data_4QKZ
#
_entry.id   4QKZ
#
_cell.length_a   32.910
_cell.length_b   68.690
_cell.length_c   70.690
_cell.angle_alpha   90.00
_cell.angle_beta   90.00
_cell.angle_gamma   90.00
#
_symmetry.space_group_name_H-M   'P 21 21 21'
#
loop_
_entity.id
_entity.type
_entity.pdbx_description
1 polymer 'Neutrophil collagenase'
2 non-polymer 'CALCIUM ION'
3 non-polymer 'ZINC ION'
4 non-polymer '{[(biphenyl-4-ylsulfonyl)amino]methanediyl}bis(phosphonic acid)'
5 non-polymer '2-(N-MORPHOLINO)-ETHANESULFONIC ACID'
6 water water
#
_entity_poly.entity_id   1
_entity_poly.type   'polypeptide(L)'
_entity_poly.pdbx_seq_one_letter_code
;MLTPGNPKWERTNLTYRIRNYTPQLSEAEVERAIKDAFELWSVASPLIFTRISQGEADINIAFYQRDHGDNSPFDGPNGI
LAHAFQPGQGIGGDAHFDAEETWTNTSANYNLFLVAAHEFGHSLGLAHSSDPGALMYPNYAFRETSNYSLPQDDIDGIQA
IYG
;
_entity_poly.pdbx_strand_id   A
#
# COMPACT_ATOMS: atom_id res chain seq x y z
N MET A 1 4.33 3.36 -16.84
CA MET A 1 5.50 4.11 -16.35
C MET A 1 5.15 5.02 -15.16
N LEU A 2 6.19 5.69 -14.63
CA LEU A 2 6.06 6.74 -13.59
C LEU A 2 7.11 6.72 -12.45
N THR A 3 7.36 5.68 -11.63
CA THR A 3 8.50 5.86 -10.66
C THR A 3 9.79 5.96 -11.53
N PRO A 4 10.69 6.91 -11.28
CA PRO A 4 11.90 7.02 -12.10
C PRO A 4 12.66 5.70 -12.21
N GLY A 5 13.05 5.38 -13.45
CA GLY A 5 13.73 4.13 -13.76
C GLY A 5 12.79 3.01 -14.15
N ASN A 6 11.48 3.28 -14.03
CA ASN A 6 10.45 2.31 -14.39
C ASN A 6 10.61 0.92 -13.76
N PRO A 7 10.85 0.86 -12.43
CA PRO A 7 10.93 -0.43 -11.76
C PRO A 7 9.58 -1.14 -11.86
N LYS A 8 9.59 -2.42 -12.19
CA LYS A 8 8.34 -3.17 -12.27
C LYS A 8 8.58 -4.63 -11.97
N TRP A 9 7.54 -5.27 -11.46
CA TRP A 9 7.62 -6.71 -11.22
C TRP A 9 7.70 -7.49 -12.52
N GLU A 10 8.52 -8.54 -12.54
CA GLU A 10 8.72 -9.39 -13.71
C GLU A 10 7.63 -10.45 -13.86
N ARG A 11 6.91 -10.73 -12.77
CA ARG A 11 5.76 -11.62 -12.84
C ARG A 11 4.58 -10.91 -12.23
N THR A 12 3.39 -11.39 -12.58
CA THR A 12 2.18 -10.68 -12.20
C THR A 12 1.39 -11.36 -11.08
N ASN A 13 1.75 -12.60 -10.72
CA ASN A 13 1.18 -13.23 -9.52
C ASN A 13 2.21 -13.06 -8.42
N LEU A 14 1.89 -12.15 -7.51
CA LEU A 14 2.79 -11.74 -6.43
C LEU A 14 2.23 -12.21 -5.10
N THR A 15 3.11 -12.56 -4.18
CA THR A 15 2.66 -12.95 -2.85
C THR A 15 2.85 -11.79 -1.87
N TYR A 16 2.05 -11.82 -0.81
CA TYR A 16 2.14 -10.86 0.27
C TYR A 16 2.00 -11.56 1.60
N ARG A 17 2.55 -10.90 2.63
CA ARG A 17 2.47 -11.41 3.99
C ARG A 17 2.30 -10.22 4.92
N ILE A 18 1.38 -10.34 5.86
CA ILE A 18 1.20 -9.37 6.93
C ILE A 18 1.95 -9.91 8.14
N ARG A 19 3.01 -9.21 8.51
CA ARG A 19 3.98 -9.71 9.50
C ARG A 19 3.51 -9.51 10.93
N ASN A 20 2.75 -8.45 11.16
CA ASN A 20 2.26 -8.10 12.48
C ASN A 20 1.04 -7.20 12.31
N TYR A 21 0.47 -6.78 13.43
CA TYR A 21 -0.83 -6.15 13.44
C TYR A 21 -0.78 -4.86 14.28
N THR A 22 -1.92 -4.19 14.39
CA THR A 22 -2.04 -2.98 15.14
C THR A 22 -3.15 -3.15 16.19
N PRO A 23 -2.93 -2.62 17.42
CA PRO A 23 -3.96 -2.78 18.46
C PRO A 23 -5.27 -2.04 18.19
N GLN A 24 -5.22 -1.16 17.20
CA GLN A 24 -6.31 -0.24 16.86
C GLN A 24 -7.48 -0.95 16.17
N LEU A 25 -7.18 -2.08 15.56
CA LEU A 25 -8.14 -2.83 14.78
C LEU A 25 -8.03 -4.31 15.13
N SER A 26 -9.05 -5.10 14.84
CA SER A 26 -8.91 -6.53 14.95
C SER A 26 -7.95 -7.07 13.91
N GLU A 27 -7.46 -8.29 14.09
CA GLU A 27 -6.62 -8.92 13.07
C GLU A 27 -7.41 -9.04 11.75
N ALA A 28 -8.68 -9.44 11.83
CA ALA A 28 -9.51 -9.60 10.63
C ALA A 28 -9.67 -8.28 9.90
N GLU A 29 -9.87 -7.20 10.66
CA GLU A 29 -10.04 -5.89 10.04
C GLU A 29 -8.77 -5.45 9.29
N VAL A 30 -7.59 -5.74 9.83
CA VAL A 30 -6.35 -5.43 9.12
C VAL A 30 -6.24 -6.30 7.86
N GLU A 31 -6.52 -7.59 7.99
CA GLU A 31 -6.46 -8.52 6.86
C GLU A 31 -7.37 -8.02 5.73
N ARG A 32 -8.55 -7.57 6.11
CA ARG A 32 -9.54 -7.09 5.13
C ARG A 32 -9.09 -5.80 4.45
N ALA A 33 -8.58 -4.87 5.23
CA ALA A 33 -8.09 -3.60 4.66
C ALA A 33 -7.01 -3.87 3.63
N ILE A 34 -6.07 -4.74 3.98
CA ILE A 34 -4.97 -5.06 3.08
C ILE A 34 -5.44 -5.83 1.84
N LYS A 35 -6.27 -6.86 2.05
CA LYS A 35 -6.83 -7.60 0.93
C LYS A 35 -7.55 -6.67 -0.06
N ASP A 36 -8.41 -5.82 0.46
CA ASP A 36 -9.19 -4.95 -0.39
C ASP A 36 -8.30 -3.92 -1.09
N ALA A 37 -7.24 -3.47 -0.41
CA ALA A 37 -6.29 -2.55 -1.03
C ALA A 37 -5.59 -3.18 -2.24
N PHE A 38 -5.13 -4.42 -2.11
CA PHE A 38 -4.55 -5.14 -3.23
C PHE A 38 -5.56 -5.32 -4.37
N GLU A 39 -6.80 -5.67 -4.01
CA GLU A 39 -7.79 -5.97 -5.05
C GLU A 39 -8.12 -4.74 -5.88
N LEU A 40 -7.99 -3.55 -5.33
CA LEU A 40 -8.16 -2.33 -6.12
C LEU A 40 -7.28 -2.30 -7.37
N TRP A 41 -6.04 -2.71 -7.19
CA TRP A 41 -5.06 -2.73 -8.27
C TRP A 41 -5.24 -3.95 -9.15
N SER A 42 -5.60 -5.07 -8.54
CA SER A 42 -5.80 -6.30 -9.29
C SER A 42 -6.92 -6.19 -10.33
N VAL A 43 -8.01 -5.50 -10.01
CA VAL A 43 -9.14 -5.46 -10.95
C VAL A 43 -8.87 -4.52 -12.13
N ALA A 44 -7.77 -3.77 -12.10
CA ALA A 44 -7.40 -2.81 -13.14
C ALA A 44 -6.17 -3.22 -13.92
N SER A 45 -5.68 -4.45 -13.70
CA SER A 45 -4.42 -4.90 -14.26
C SER A 45 -4.43 -6.42 -14.34
N PRO A 46 -3.34 -7.03 -14.79
CA PRO A 46 -3.26 -8.49 -14.73
C PRO A 46 -2.69 -9.01 -13.41
N LEU A 47 -2.44 -8.14 -12.45
CA LEU A 47 -1.82 -8.57 -11.20
C LEU A 47 -2.79 -9.40 -10.38
N ILE A 48 -2.24 -10.42 -9.75
CA ILE A 48 -2.99 -11.33 -8.88
C ILE A 48 -2.17 -11.44 -7.59
N PHE A 49 -2.79 -11.15 -6.46
CA PHE A 49 -2.11 -11.15 -5.15
C PHE A 49 -2.56 -12.35 -4.33
N THR A 50 -1.57 -13.10 -3.84
CA THR A 50 -1.78 -14.33 -3.12
C THR A 50 -1.13 -14.20 -1.75
N ARG A 51 -1.93 -14.38 -0.72
CA ARG A 51 -1.47 -14.24 0.65
C ARG A 51 -0.78 -15.49 1.15
N ILE A 52 0.31 -15.32 1.90
CA ILE A 52 0.92 -16.39 2.70
C ILE A 52 0.90 -15.97 4.15
N SER A 53 0.92 -16.96 5.03
CA SER A 53 0.84 -16.70 6.48
C SER A 53 2.19 -16.58 7.18
N GLN A 54 3.22 -17.17 6.57
CA GLN A 54 4.57 -17.20 7.14
C GLN A 54 5.53 -17.30 5.98
N GLY A 55 6.80 -17.04 6.24
CA GLY A 55 7.83 -17.23 5.24
C GLY A 55 8.03 -16.04 4.32
N GLU A 56 8.66 -16.31 3.18
CA GLU A 56 9.12 -15.26 2.28
C GLU A 56 8.08 -14.95 1.21
N ALA A 57 7.59 -13.70 1.25
CA ALA A 57 6.61 -13.16 0.30
C ALA A 57 7.26 -12.05 -0.50
N ASP A 58 6.71 -11.76 -1.67
CA ASP A 58 7.20 -10.59 -2.41
C ASP A 58 6.98 -9.27 -1.67
N ILE A 59 5.78 -9.08 -1.13
CA ILE A 59 5.44 -7.84 -0.49
C ILE A 59 5.15 -8.09 0.97
N ASN A 60 6.06 -7.63 1.83
CA ASN A 60 5.84 -7.65 3.28
C ASN A 60 5.07 -6.42 3.73
N ILE A 61 4.12 -6.60 4.63
CA ILE A 61 3.35 -5.53 5.26
C ILE A 61 3.64 -5.61 6.76
N ALA A 62 3.98 -4.49 7.39
CA ALA A 62 4.23 -4.51 8.84
C ALA A 62 3.99 -3.12 9.43
N PHE A 63 3.68 -3.12 10.71
CA PHE A 63 3.52 -1.92 11.52
C PHE A 63 4.75 -1.78 12.40
N TYR A 64 5.45 -0.65 12.26
CA TYR A 64 6.68 -0.38 13.03
C TYR A 64 6.64 1.06 13.57
N GLN A 65 7.40 1.31 14.65
CA GLN A 65 7.55 2.63 15.27
C GLN A 65 8.95 3.17 15.00
N ARG A 66 9.05 4.48 14.78
CA ARG A 66 10.32 5.19 14.80
C ARG A 66 11.36 4.46 13.94
N ASP A 67 12.58 4.25 14.44
CA ASP A 67 13.59 3.52 13.68
C ASP A 67 13.19 2.06 13.59
N HIS A 68 13.24 1.51 12.38
CA HIS A 68 12.83 0.12 12.18
C HIS A 68 13.65 -0.61 11.10
N GLY A 69 14.91 -0.20 10.96
CA GLY A 69 15.89 -0.98 10.25
C GLY A 69 16.19 -0.56 8.83
N ASP A 70 15.43 0.40 8.28
CA ASP A 70 15.60 0.74 6.87
C ASP A 70 16.06 2.16 6.61
N ASN A 71 16.49 2.85 7.65
CA ASN A 71 17.04 4.20 7.57
C ASN A 71 15.99 5.25 7.18
N SER A 72 14.71 4.89 7.13
CA SER A 72 13.62 5.85 6.97
C SER A 72 12.70 5.77 8.19
N PRO A 73 13.07 6.44 9.28
CA PRO A 73 12.31 6.27 10.51
C PRO A 73 10.93 6.88 10.43
N PHE A 74 9.98 6.28 11.15
CA PHE A 74 8.70 6.95 11.37
C PHE A 74 8.83 8.02 12.46
N ASP A 75 7.75 8.77 12.68
CA ASP A 75 7.81 10.06 13.36
C ASP A 75 6.78 10.22 14.45
N GLY A 76 6.20 9.14 14.93
CA GLY A 76 5.19 9.24 15.96
C GLY A 76 3.83 9.61 15.37
N PRO A 77 2.86 9.95 16.22
CA PRO A 77 1.51 10.23 15.72
C PRO A 77 1.48 11.34 14.66
N ASN A 78 0.63 11.05 13.63
CA ASN A 78 0.45 12.04 12.54
C ASN A 78 1.67 12.15 11.63
N GLY A 79 1.73 13.11 10.69
CA GLY A 79 2.91 13.21 9.84
C GLY A 79 3.05 12.04 8.88
N ILE A 80 4.21 11.40 8.87
CA ILE A 80 4.41 10.26 8.01
C ILE A 80 3.53 9.11 8.52
N LEU A 81 2.72 8.57 7.62
CA LEU A 81 1.81 7.47 7.96
C LEU A 81 2.35 6.09 7.59
N ALA A 82 3.10 6.01 6.52
CA ALA A 82 3.49 4.75 5.90
C ALA A 82 4.47 5.06 4.81
N HIS A 83 5.16 4.02 4.32
CA HIS A 83 5.98 4.17 3.14
C HIS A 83 6.16 2.79 2.52
N ALA A 84 6.64 2.75 1.29
CA ALA A 84 6.78 1.51 0.56
C ALA A 84 7.92 1.62 -0.42
N PHE A 85 8.53 0.48 -0.72
CA PHE A 85 9.68 0.41 -1.60
C PHE A 85 9.29 -0.01 -3.01
N GLN A 86 9.98 0.54 -4.00
CA GLN A 86 9.71 0.21 -5.39
C GLN A 86 9.93 -1.29 -5.68
N PRO A 87 9.34 -1.80 -6.76
CA PRO A 87 9.51 -3.21 -7.09
C PRO A 87 10.97 -3.61 -7.13
N GLY A 88 11.25 -4.77 -6.56
CA GLY A 88 12.60 -5.27 -6.50
C GLY A 88 12.68 -6.42 -5.53
N GLN A 89 13.84 -7.05 -5.47
CA GLN A 89 14.06 -8.13 -4.53
C GLN A 89 14.21 -7.60 -3.11
N GLY A 90 14.12 -8.50 -2.14
CA GLY A 90 14.33 -8.16 -0.73
C GLY A 90 13.33 -7.14 -0.23
N ILE A 91 13.83 -6.01 0.27
CA ILE A 91 12.93 -4.98 0.78
C ILE A 91 12.04 -4.39 -0.33
N GLY A 92 12.42 -4.58 -1.59
CA GLY A 92 11.59 -4.12 -2.70
C GLY A 92 10.14 -4.55 -2.57
N GLY A 93 9.24 -3.60 -2.84
CA GLY A 93 7.82 -3.85 -2.74
C GLY A 93 7.24 -3.71 -1.34
N ASP A 94 8.07 -3.78 -0.29
CA ASP A 94 7.54 -3.91 1.04
C ASP A 94 6.89 -2.60 1.49
N ALA A 95 5.89 -2.69 2.35
CA ALA A 95 5.13 -1.54 2.82
C ALA A 95 5.11 -1.56 4.34
N HIS A 96 5.52 -0.43 4.89
CA HIS A 96 5.56 -0.24 6.35
C HIS A 96 4.59 0.84 6.78
N PHE A 97 3.93 0.63 7.90
CA PHE A 97 2.91 1.53 8.41
C PHE A 97 3.32 1.95 9.82
N ASP A 98 3.13 3.24 10.12
CA ASP A 98 3.56 3.76 11.42
C ASP A 98 2.63 3.23 12.51
N ALA A 99 3.22 2.43 13.40
CA ALA A 99 2.47 1.77 14.45
C ALA A 99 1.91 2.74 15.50
N GLU A 100 2.36 4.00 15.49
CA GLU A 100 1.86 4.98 16.46
C GLU A 100 0.61 5.71 15.99
N GLU A 101 0.11 5.41 14.80
CA GLU A 101 -1.13 6.03 14.32
C GLU A 101 -2.37 5.37 14.90
N THR A 102 -3.43 6.17 14.93
CA THR A 102 -4.78 5.67 15.06
C THR A 102 -5.15 5.15 13.66
N TRP A 103 -5.27 3.83 13.53
CA TRP A 103 -5.65 3.20 12.27
C TRP A 103 -7.12 2.82 12.37
N THR A 104 -7.87 3.10 11.32
CA THR A 104 -9.31 2.91 11.36
C THR A 104 -9.80 2.21 10.10
N ASN A 105 -11.07 1.82 10.15
CA ASN A 105 -11.81 1.46 8.95
C ASN A 105 -13.04 2.35 8.84
N THR A 106 -12.87 3.58 9.26
CA THR A 106 -13.94 4.57 9.28
C THR A 106 -13.46 5.85 8.59
N SER A 107 -14.29 6.89 8.65
CA SER A 107 -13.88 8.20 8.18
C SER A 107 -12.84 8.92 9.06
N ALA A 108 -12.60 8.43 10.27
CA ALA A 108 -11.64 9.08 11.17
C ALA A 108 -10.22 8.78 10.74
N ASN A 109 -9.35 9.77 10.92
CA ASN A 109 -7.95 9.59 10.57
C ASN A 109 -7.37 8.46 11.40
N TYR A 110 -6.63 7.49 10.83
CA TYR A 110 -6.35 7.33 9.41
C TYR A 110 -6.88 5.99 8.95
N ASN A 111 -7.59 6.01 7.82
CA ASN A 111 -8.16 4.81 7.24
C ASN A 111 -7.06 3.92 6.64
N LEU A 112 -6.88 2.74 7.22
CA LEU A 112 -5.79 1.83 6.83
C LEU A 112 -5.91 1.39 5.36
N PHE A 113 -7.11 1.01 4.96
CA PHE A 113 -7.37 0.59 3.58
C PHE A 113 -6.89 1.66 2.58
N LEU A 114 -7.26 2.92 2.81
CA LEU A 114 -6.85 3.95 1.88
C LEU A 114 -5.34 4.16 1.87
N VAL A 115 -4.71 4.17 3.04
CA VAL A 115 -3.26 4.37 3.09
C VAL A 115 -2.54 3.18 2.44
N ALA A 116 -2.98 1.97 2.76
CA ALA A 116 -2.37 0.77 2.15
C ALA A 116 -2.54 0.78 0.63
N ALA A 117 -3.73 1.15 0.16
CA ALA A 117 -3.99 1.18 -1.28
C ALA A 117 -3.00 2.13 -1.99
N HIS A 118 -2.79 3.31 -1.40
CA HIS A 118 -1.82 4.29 -1.91
C HIS A 118 -0.42 3.70 -1.89
N GLU A 119 -0.01 3.12 -0.76
CA GLU A 119 1.34 2.60 -0.66
C GLU A 119 1.57 1.47 -1.64
N PHE A 120 0.55 0.62 -1.87
CA PHE A 120 0.73 -0.46 -2.83
C PHE A 120 0.92 0.07 -4.26
N GLY A 121 0.42 1.27 -4.57
CA GLY A 121 0.80 1.90 -5.83
C GLY A 121 2.31 2.04 -5.96
N HIS A 122 2.95 2.52 -4.89
CA HIS A 122 4.42 2.61 -4.87
C HIS A 122 5.07 1.21 -4.97
N SER A 123 4.54 0.26 -4.21
CA SER A 123 5.04 -1.11 -4.27
C SER A 123 5.01 -1.70 -5.67
N LEU A 124 4.08 -1.21 -6.50
CA LEU A 124 3.94 -1.70 -7.85
C LEU A 124 4.65 -0.87 -8.93
N GLY A 125 5.23 0.28 -8.56
CA GLY A 125 6.01 1.08 -9.47
C GLY A 125 5.46 2.45 -9.85
N LEU A 126 4.42 2.94 -9.16
CA LEU A 126 3.88 4.28 -9.38
C LEU A 126 4.46 5.29 -8.43
N ALA A 127 4.70 6.49 -8.95
CA ALA A 127 5.03 7.65 -8.15
C ALA A 127 3.78 8.50 -7.91
N HIS A 128 3.95 9.72 -7.43
CA HIS A 128 2.81 10.57 -7.12
C HIS A 128 2.23 11.19 -8.35
N SER A 129 0.91 11.32 -8.30
CA SER A 129 0.14 12.04 -9.29
C SER A 129 -0.05 13.50 -8.90
N SER A 130 -0.20 14.35 -9.89
CA SER A 130 -0.61 15.72 -9.62
C SER A 130 -2.12 15.92 -9.68
N ASP A 131 -2.87 14.88 -10.06
CA ASP A 131 -4.33 14.93 -10.10
C ASP A 131 -4.82 14.86 -8.65
N PRO A 132 -5.49 15.91 -8.16
CA PRO A 132 -5.91 15.91 -6.77
C PRO A 132 -6.99 14.87 -6.44
N GLY A 133 -7.61 14.29 -7.46
CA GLY A 133 -8.55 13.19 -7.27
C GLY A 133 -7.94 11.80 -7.29
N ALA A 134 -6.64 11.71 -7.61
CA ALA A 134 -5.99 10.41 -7.70
C ALA A 134 -5.64 9.80 -6.34
N LEU A 135 -5.74 8.48 -6.23
CA LEU A 135 -5.24 7.78 -5.06
C LEU A 135 -3.77 8.08 -4.81
N MET A 136 -3.01 8.22 -5.88
CA MET A 136 -1.57 8.46 -5.77
C MET A 136 -1.20 9.95 -5.59
N TYR A 137 -2.16 10.80 -5.29
CA TYR A 137 -1.85 12.17 -4.86
C TYR A 137 -1.02 12.13 -3.58
N PRO A 138 -0.12 13.10 -3.36
CA PRO A 138 0.80 12.93 -2.20
C PRO A 138 0.23 13.08 -0.80
N ASN A 139 -0.94 13.66 -0.64
CA ASN A 139 -1.50 13.88 0.71
C ASN A 139 -2.76 13.06 0.93
N TYR A 140 -2.86 12.46 2.11
CA TYR A 140 -4.01 11.67 2.52
C TYR A 140 -5.29 12.50 2.58
N ALA A 141 -6.38 11.90 2.11
CA ALA A 141 -7.72 12.43 2.32
C ALA A 141 -8.69 11.26 2.35
N PHE A 142 -9.69 11.34 3.22
CA PHE A 142 -10.70 10.32 3.28
C PHE A 142 -11.60 10.41 2.06
N ARG A 143 -11.97 9.24 1.54
CA ARG A 143 -13.12 9.12 0.59
C ARG A 143 -13.82 7.87 0.91
N GLU A 144 -15.06 7.80 0.45
CA GLU A 144 -15.91 6.68 0.84
C GLU A 144 -15.30 5.37 0.40
N THR A 145 -15.28 4.41 1.31
CA THR A 145 -14.57 3.14 1.09
C THR A 145 -15.48 1.94 0.82
N SER A 146 -16.77 2.03 1.10
CA SER A 146 -17.65 0.83 1.06
C SER A 146 -17.75 0.14 -0.30
N ASN A 147 -17.44 0.73 -1.32
CA ASN A 147 -17.61 0.34 -2.72
C ASN A 147 -16.53 1.00 -3.55
N TYR A 148 -15.37 1.20 -2.96
CA TYR A 148 -14.33 2.01 -3.57
C TYR A 148 -13.72 1.31 -4.78
N SER A 149 -13.38 2.10 -5.79
CA SER A 149 -12.58 1.62 -6.91
C SER A 149 -11.58 2.68 -7.32
N LEU A 150 -10.55 2.25 -8.03
CA LEU A 150 -9.48 3.17 -8.37
C LEU A 150 -9.98 4.37 -9.14
N PRO A 151 -9.54 5.56 -8.74
CA PRO A 151 -9.75 6.69 -9.63
C PRO A 151 -9.12 6.44 -11.00
N GLN A 152 -9.67 7.09 -12.02
CA GLN A 152 -9.26 6.76 -13.38
C GLN A 152 -7.77 7.07 -13.62
N ASP A 153 -7.24 8.10 -12.99
CA ASP A 153 -5.83 8.42 -13.17
C ASP A 153 -4.91 7.27 -12.74
N ASP A 154 -5.29 6.58 -11.65
CA ASP A 154 -4.50 5.48 -11.12
C ASP A 154 -4.61 4.23 -12.00
N ILE A 155 -5.79 4.06 -12.61
CA ILE A 155 -5.98 3.01 -13.63
C ILE A 155 -5.03 3.30 -14.79
N ASP A 156 -4.97 4.57 -15.23
CA ASP A 156 -4.06 4.95 -16.30
C ASP A 156 -2.63 4.59 -15.94
N GLY A 157 -2.26 4.83 -14.68
CA GLY A 157 -0.92 4.54 -14.22
C GLY A 157 -0.60 3.05 -14.20
N ILE A 158 -1.46 2.24 -13.58
CA ILE A 158 -1.15 0.81 -13.49
C ILE A 158 -1.16 0.16 -14.87
N GLN A 159 -2.07 0.61 -15.74
CA GLN A 159 -2.10 0.11 -17.11
C GLN A 159 -0.84 0.46 -17.91
N ALA A 160 -0.29 1.64 -17.65
CA ALA A 160 0.95 2.05 -18.33
C ALA A 160 2.13 1.14 -17.99
N ILE A 161 2.12 0.54 -16.81
CA ILE A 161 3.20 -0.34 -16.40
C ILE A 161 2.91 -1.77 -16.83
N TYR A 162 1.71 -2.28 -16.52
CA TYR A 162 1.42 -3.71 -16.63
C TYR A 162 0.39 -4.08 -17.68
N GLY A 163 -0.24 -3.08 -18.29
CA GLY A 163 -1.41 -3.39 -19.10
C GLY A 163 -2.53 -3.97 -18.27
#